data_4REN
#
_entry.id   4REN
#
_cell.length_a   49.903
_cell.length_b   55.279
_cell.length_c   85.801
_cell.angle_alpha   90.00
_cell.angle_beta   104.60
_cell.angle_gamma   90.00
#
_symmetry.space_group_name_H-M   'P 1 21 1'
#
loop_
_entity.id
_entity.type
_entity.pdbx_description
1 polymer 'UDP-glucose:anthocyanidin 3-O-glucosyltransferase'
2 non-polymer 2-(3,4-dihydroxy-5-methoxyphenyl)-3,5,7-trihydroxychromenium
3 non-polymer GLYCEROL
4 water water
#
_entity_poly.entity_id   1
_entity_poly.type   'polypeptide(L)'
_entity_poly.pdbx_seq_one_letter_code
;MKNKQHVAIFPFPFGSHLPPLLNLVLKLAHIAPNTSFSFIGTHSSNAFLFTKRHIPNNIRVFTISDGIPEGHVPANNPIE
KLDLFLSTGPDNLRKGIELAVAETKQSVTCIIADAFVTSSLLVAQTLNVPWIAFWPNVSCSLSLYFNIDLIRDKCSKDAK
NATLDFLPGLSKLRVEDVPQDMLDVGEKETLFSRTLNSLGVVLPQAKAVVVNFFAELDPPLFVKYMRSKLQSLLYVVPLP
CPQLLLPEIDSNGCLSWLDSKSSRSVAYVCFGTVVSPPPQEVVAVAEALEESGFPFVWALKESLLSILPKGFVERTSTRG
KVVSWVPQSHVLSHGSVGVFVTHCGANSVMESVSNGVPMICRPFFGDQGIAARVIQDIWEVGVIVEGKVFTKNGFVKSLN
LILVQEDGKKIRDNALKVKQIVQDAVGPHGQAAEDFNTLVEVISSS
;
_entity_poly.pdbx_strand_id   A
#
# COMPACT_ATOMS: atom_id res chain seq x y z
N MET A 1 35.74 -13.75 15.04
CA MET A 1 35.31 -12.37 14.83
C MET A 1 33.84 -12.21 15.15
N LYS A 2 33.50 -11.22 15.98
CA LYS A 2 32.12 -10.99 16.35
C LYS A 2 31.38 -10.18 15.28
N ASN A 3 30.10 -10.51 15.08
CA ASN A 3 29.29 -9.84 14.08
C ASN A 3 28.94 -8.41 14.50
N LYS A 4 29.34 -7.44 13.67
CA LYS A 4 29.13 -6.03 14.00
C LYS A 4 28.05 -5.40 13.12
N GLN A 5 27.29 -6.23 12.41
CA GLN A 5 26.24 -5.74 11.51
C GLN A 5 25.03 -5.23 12.29
N HIS A 6 24.59 -4.01 11.96
CA HIS A 6 23.51 -3.35 12.68
C HIS A 6 22.66 -2.52 11.71
N VAL A 7 21.47 -3.01 11.40
CA VAL A 7 20.58 -2.33 10.46
C VAL A 7 19.56 -1.45 11.18
N ALA A 8 19.57 -0.15 10.84
CA ALA A 8 18.61 0.79 11.40
C ALA A 8 17.39 0.88 10.50
N ILE A 9 16.20 0.72 11.06
CA ILE A 9 14.98 0.76 10.27
C ILE A 9 14.11 1.99 10.58
N PHE A 10 13.83 2.78 9.54
CA PHE A 10 13.00 3.97 9.67
C PHE A 10 11.71 3.84 8.86
N PRO A 11 10.62 3.38 9.51
CA PRO A 11 9.35 3.28 8.80
C PRO A 11 8.70 4.65 8.66
N PHE A 12 7.80 4.78 7.68
CA PHE A 12 6.88 5.91 7.67
C PHE A 12 5.86 5.54 8.73
N PRO A 13 5.89 6.24 9.87
CA PRO A 13 5.23 5.81 11.11
C PRO A 13 3.71 5.91 11.08
N PHE A 14 3.08 5.44 10.01
CA PHE A 14 1.63 5.58 9.89
C PHE A 14 0.93 4.38 9.25
N GLY A 15 -0.04 3.84 9.97
CA GLY A 15 -0.95 2.82 9.47
C GLY A 15 -0.44 1.79 8.48
N SER A 16 -0.81 1.95 7.22
CA SER A 16 -0.51 0.96 6.18
C SER A 16 0.98 0.86 5.81
N HIS A 17 1.78 1.81 6.27
CA HIS A 17 3.21 1.78 5.96
C HIS A 17 3.99 0.95 6.99
N LEU A 18 3.31 0.52 8.05
CA LEU A 18 3.99 -0.17 9.15
C LEU A 18 4.08 -1.70 9.02
N PRO A 19 2.94 -2.39 8.76
CA PRO A 19 3.06 -3.85 8.59
C PRO A 19 3.99 -4.32 7.46
N PRO A 20 3.96 -3.69 6.26
CA PRO A 20 4.80 -4.24 5.20
C PRO A 20 6.31 -4.12 5.47
N LEU A 21 6.72 -3.14 6.27
CA LEU A 21 8.14 -2.98 6.57
C LEU A 21 8.61 -3.89 7.70
N LEU A 22 7.77 -4.04 8.74
CA LEU A 22 8.05 -5.00 9.81
C LEU A 22 8.12 -6.41 9.22
N ASN A 23 7.27 -6.67 8.24
CA ASN A 23 7.23 -7.96 7.56
C ASN A 23 8.57 -8.29 6.90
N LEU A 24 9.18 -7.28 6.29
CA LEU A 24 10.47 -7.45 5.62
C LEU A 24 11.58 -7.64 6.64
N VAL A 25 11.57 -6.85 7.70
CA VAL A 25 12.57 -6.95 8.76
C VAL A 25 12.52 -8.31 9.45
N LEU A 26 11.31 -8.84 9.62
CA LEU A 26 11.12 -10.16 10.22
C LEU A 26 11.83 -11.26 9.43
N LYS A 27 11.66 -11.23 8.10
CA LYS A 27 12.32 -12.19 7.22
C LYS A 27 13.83 -12.01 7.29
N LEU A 28 14.27 -10.76 7.25
CA LEU A 28 15.69 -10.45 7.35
C LEU A 28 16.29 -10.90 8.68
N ALA A 29 15.57 -10.67 9.77
CA ALA A 29 16.05 -11.06 11.10
C ALA A 29 16.12 -12.57 11.28
N HIS A 30 15.25 -13.29 10.58
CA HIS A 30 15.22 -14.75 10.66
C HIS A 30 16.41 -15.38 9.95
N ILE A 31 16.69 -14.90 8.73
CA ILE A 31 17.77 -15.45 7.92
C ILE A 31 19.12 -14.92 8.41
N ALA A 32 19.10 -13.83 9.15
CA ALA A 32 20.32 -13.28 9.74
C ALA A 32 20.13 -12.98 11.23
N PRO A 33 20.08 -14.04 12.05
CA PRO A 33 19.80 -13.91 13.49
C PRO A 33 21.01 -13.43 14.28
N ASN A 34 22.13 -13.22 13.61
CA ASN A 34 23.32 -12.67 14.25
C ASN A 34 23.42 -11.17 14.03
N THR A 35 22.72 -10.68 13.01
CA THR A 35 22.66 -9.26 12.71
C THR A 35 21.61 -8.57 13.59
N SER A 36 21.93 -7.37 14.06
CA SER A 36 20.98 -6.60 14.87
C SER A 36 20.11 -5.69 14.02
N PHE A 37 18.80 -5.73 14.26
CA PHE A 37 17.85 -4.88 13.56
C PHE A 37 17.17 -3.91 14.51
N SER A 38 17.35 -2.62 14.28
CA SER A 38 16.80 -1.60 15.16
C SER A 38 15.65 -0.86 14.51
N PHE A 39 14.43 -1.20 14.91
CA PHE A 39 13.22 -0.59 14.37
C PHE A 39 12.94 0.71 15.13
N ILE A 40 13.06 1.84 14.44
CA ILE A 40 12.89 3.14 15.08
C ILE A 40 11.59 3.83 14.67
N GLY A 41 10.60 3.81 15.57
CA GLY A 41 9.32 4.43 15.29
C GLY A 41 8.91 5.45 16.33
N THR A 42 7.67 5.92 16.23
CA THR A 42 7.11 6.85 17.21
C THR A 42 6.38 6.04 18.28
N HIS A 43 5.92 6.70 19.33
CA HIS A 43 5.17 6.00 20.38
C HIS A 43 3.89 5.39 19.83
N SER A 44 3.21 6.12 18.95
CA SER A 44 1.94 5.66 18.42
C SER A 44 2.12 4.54 17.39
N SER A 45 3.16 4.64 16.58
CA SER A 45 3.44 3.63 15.57
C SER A 45 3.92 2.33 16.21
N ASN A 46 4.75 2.44 17.24
CA ASN A 46 5.23 1.28 17.97
C ASN A 46 4.12 0.61 18.78
N ALA A 47 3.22 1.42 19.33
CA ALA A 47 2.07 0.90 20.03
C ALA A 47 1.16 0.16 19.05
N PHE A 48 1.22 0.56 17.79
CA PHE A 48 0.40 -0.05 16.74
C PHE A 48 0.90 -1.42 16.34
N LEU A 49 2.22 -1.57 16.20
CA LEU A 49 2.82 -2.82 15.73
C LEU A 49 3.12 -3.80 16.86
N PHE A 50 3.81 -3.34 17.88
CA PHE A 50 4.46 -4.23 18.83
C PHE A 50 3.71 -4.47 20.15
N THR A 51 2.50 -3.96 20.26
CA THR A 51 1.71 -4.15 21.47
C THR A 51 1.40 -5.63 21.72
N LYS A 52 0.66 -6.24 20.80
CA LYS A 52 0.30 -7.64 20.92
C LYS A 52 1.49 -8.55 20.60
N ARG A 53 2.16 -8.24 19.49
CA ARG A 53 3.16 -9.12 18.89
C ARG A 53 4.34 -9.56 19.78
N HIS A 54 4.93 -10.69 19.41
CA HIS A 54 6.21 -11.12 19.93
C HIS A 54 7.20 -11.15 18.76
N ILE A 55 8.39 -10.61 18.96
CA ILE A 55 9.36 -10.49 17.88
C ILE A 55 10.67 -11.21 18.20
N PRO A 56 11.40 -11.66 17.17
CA PRO A 56 12.72 -12.26 17.36
C PRO A 56 13.64 -11.32 18.11
N ASN A 57 14.56 -11.89 18.90
CA ASN A 57 15.37 -11.10 19.83
C ASN A 57 16.39 -10.18 19.18
N ASN A 58 16.71 -10.43 17.91
CA ASN A 58 17.64 -9.57 17.18
C ASN A 58 16.96 -8.35 16.56
N ILE A 59 15.67 -8.17 16.87
CA ILE A 59 14.96 -6.94 16.52
C ILE A 59 14.68 -6.14 17.78
N ARG A 60 15.11 -4.88 17.79
CA ARG A 60 14.88 -4.01 18.94
C ARG A 60 14.14 -2.74 18.54
N VAL A 61 13.20 -2.33 19.39
CA VAL A 61 12.34 -1.20 19.07
C VAL A 61 12.74 0.04 19.86
N PHE A 62 12.85 1.17 19.18
CA PHE A 62 13.20 2.43 19.82
C PHE A 62 12.20 3.52 19.44
N THR A 63 12.14 4.58 20.26
CA THR A 63 11.07 5.57 20.12
C THR A 63 11.61 6.98 19.90
N ILE A 64 11.06 7.67 18.91
CA ILE A 64 11.39 9.08 18.66
C ILE A 64 10.12 9.93 18.64
N SER A 65 10.29 11.23 18.38
CA SER A 65 9.17 12.17 18.44
C SER A 65 8.22 12.06 17.27
N ASP A 66 6.92 12.23 17.53
CA ASP A 66 5.92 12.20 16.47
C ASP A 66 5.81 13.56 15.77
N GLY A 67 6.47 14.56 16.34
CA GLY A 67 6.42 15.90 15.79
C GLY A 67 5.26 16.72 16.30
N ILE A 68 4.45 16.10 17.16
CA ILE A 68 3.28 16.75 17.73
C ILE A 68 3.57 17.17 19.17
N PRO A 69 3.88 18.46 19.37
CA PRO A 69 4.15 18.98 20.72
C PRO A 69 2.96 18.74 21.63
N GLU A 70 3.20 18.54 22.92
CA GLU A 70 2.12 18.23 23.84
C GLU A 70 1.15 19.40 23.95
N GLY A 71 -0.14 19.08 24.06
CA GLY A 71 -1.17 20.11 24.14
C GLY A 71 -1.78 20.42 22.79
N HIS A 72 -1.00 20.24 21.73
CA HIS A 72 -1.48 20.52 20.37
C HIS A 72 -2.51 19.49 19.92
N VAL A 73 -3.49 19.94 19.15
CA VAL A 73 -4.51 19.06 18.60
C VAL A 73 -4.53 19.15 17.08
N PRO A 74 -3.98 18.14 16.40
CA PRO A 74 -3.96 18.11 14.93
C PRO A 74 -5.37 18.17 14.35
N ALA A 75 -5.53 18.79 13.18
CA ALA A 75 -6.83 18.87 12.54
C ALA A 75 -7.25 17.52 11.97
N ASN A 76 -8.50 17.41 11.54
CA ASN A 76 -9.01 16.13 11.04
C ASN A 76 -8.73 15.92 9.55
N ASN A 77 -7.51 16.21 9.13
CA ASN A 77 -7.05 15.88 7.79
C ASN A 77 -5.82 14.97 7.87
N PRO A 78 -5.76 13.96 7.00
CA PRO A 78 -4.73 12.90 7.08
C PRO A 78 -3.32 13.35 6.69
N ILE A 79 -3.11 14.64 6.48
CA ILE A 79 -1.81 15.13 6.02
C ILE A 79 -0.99 15.78 7.14
N GLU A 80 -1.68 16.44 8.08
CA GLU A 80 -1.01 17.21 9.14
C GLU A 80 -0.01 16.40 9.95
N LYS A 81 -0.43 15.21 10.40
CA LYS A 81 0.43 14.36 11.23
C LYS A 81 1.67 13.88 10.47
N LEU A 82 1.50 13.63 9.18
CA LEU A 82 2.63 13.23 8.34
C LEU A 82 3.62 14.39 8.26
N ASP A 83 3.08 15.58 7.98
CA ASP A 83 3.89 16.80 7.90
C ASP A 83 4.65 17.08 9.19
N LEU A 84 3.97 16.94 10.31
CA LEU A 84 4.57 17.23 11.61
C LEU A 84 5.73 16.27 11.91
N PHE A 85 5.57 15.00 11.56
CA PHE A 85 6.65 14.04 11.74
C PHE A 85 7.80 14.33 10.78
N LEU A 86 7.47 14.64 9.54
CA LEU A 86 8.50 14.94 8.54
C LEU A 86 9.27 16.20 8.90
N SER A 87 8.61 17.10 9.64
CA SER A 87 9.23 18.35 10.05
C SER A 87 10.27 18.16 11.16
N THR A 88 10.27 16.98 11.77
CA THR A 88 11.24 16.67 12.82
C THR A 88 12.66 16.61 12.27
N GLY A 89 12.79 16.32 10.98
CA GLY A 89 14.10 16.33 10.34
C GLY A 89 15.02 15.21 10.76
N PRO A 90 16.25 15.21 10.21
CA PRO A 90 17.25 14.16 10.47
C PRO A 90 17.69 14.10 11.94
N ASP A 91 17.50 15.18 12.70
CA ASP A 91 17.92 15.21 14.10
C ASP A 91 17.09 14.26 14.98
N ASN A 92 15.79 14.18 14.70
CA ASN A 92 14.93 13.25 15.42
C ASN A 92 15.31 11.82 15.10
N LEU A 93 15.73 11.60 13.86
CA LEU A 93 16.14 10.27 13.41
C LEU A 93 17.45 9.86 14.07
N ARG A 94 18.41 10.77 14.11
CA ARG A 94 19.71 10.52 14.73
CA ARG A 94 19.70 10.50 14.72
C ARG A 94 19.57 10.24 16.22
N LYS A 95 18.47 10.68 16.81
CA LYS A 95 18.21 10.39 18.22
C LYS A 95 17.83 8.93 18.34
N GLY A 96 17.11 8.42 17.35
CA GLY A 96 16.78 7.01 17.30
C GLY A 96 18.00 6.15 17.06
N ILE A 97 18.96 6.68 16.29
CA ILE A 97 20.22 6.00 16.05
C ILE A 97 21.00 5.89 17.37
N GLU A 98 21.01 6.98 18.12
CA GLU A 98 21.70 7.02 19.42
C GLU A 98 21.18 5.94 20.36
N LEU A 99 19.87 5.79 20.39
CA LEU A 99 19.24 4.77 21.23
C LEU A 99 19.63 3.36 20.77
N ALA A 100 19.73 3.17 19.46
CA ALA A 100 20.10 1.88 18.90
C ALA A 100 21.55 1.54 19.22
N VAL A 101 22.44 2.48 18.92
CA VAL A 101 23.87 2.31 19.16
C VAL A 101 24.18 2.08 20.65
N ALA A 102 23.46 2.77 21.52
CA ALA A 102 23.67 2.64 22.96
C ALA A 102 23.21 1.29 23.50
N GLU A 103 22.17 0.72 22.88
CA GLU A 103 21.61 -0.55 23.33
C GLU A 103 22.41 -1.74 22.82
N THR A 104 22.79 -1.69 21.54
CA THR A 104 23.47 -2.81 20.90
C THR A 104 24.98 -2.71 21.02
N LYS A 105 25.47 -1.53 21.39
CA LYS A 105 26.92 -1.24 21.43
C LYS A 105 27.58 -1.49 20.07
N GLN A 106 26.77 -1.44 19.02
CA GLN A 106 27.25 -1.58 17.65
C GLN A 106 26.86 -0.34 16.87
N SER A 107 27.81 0.20 16.10
CA SER A 107 27.50 1.31 15.21
C SER A 107 26.65 0.78 14.07
N VAL A 108 25.84 1.66 13.48
CA VAL A 108 24.98 1.26 12.38
C VAL A 108 25.79 1.08 11.10
N THR A 109 25.60 -0.07 10.44
CA THR A 109 26.33 -0.38 9.21
C THR A 109 25.44 -0.22 7.99
N CYS A 110 24.13 -0.19 8.20
CA CYS A 110 23.18 -0.09 7.12
C CYS A 110 21.85 0.50 7.59
N ILE A 111 21.16 1.21 6.70
CA ILE A 111 19.85 1.79 7.03
C ILE A 111 18.80 1.35 6.02
N ILE A 112 17.66 0.88 6.54
CA ILE A 112 16.50 0.61 5.70
C ILE A 112 15.38 1.56 6.09
N ALA A 113 14.89 2.33 5.13
CA ALA A 113 13.84 3.31 5.42
C ALA A 113 12.73 3.29 4.38
N ASP A 114 11.52 3.58 4.83
CA ASP A 114 10.41 3.85 3.92
C ASP A 114 10.84 5.04 3.08
N ALA A 115 10.54 5.00 1.79
CA ALA A 115 11.04 6.02 0.86
C ALA A 115 10.61 7.44 1.24
N PHE A 116 9.52 7.57 2.00
CA PHE A 116 9.01 8.88 2.37
C PHE A 116 9.85 9.57 3.45
N VAL A 117 10.51 8.78 4.28
CA VAL A 117 11.42 9.33 5.28
C VAL A 117 12.74 9.69 4.59
N THR A 118 12.69 10.73 3.77
CA THR A 118 13.83 11.13 2.96
C THR A 118 14.96 11.73 3.79
N SER A 119 14.66 12.08 5.03
CA SER A 119 15.66 12.61 5.94
C SER A 119 16.65 11.53 6.38
N SER A 120 16.25 10.28 6.26
CA SER A 120 17.11 9.16 6.65
C SER A 120 18.23 8.95 5.64
N LEU A 121 18.06 9.50 4.44
CA LEU A 121 19.13 9.50 3.45
C LEU A 121 20.23 10.42 3.93
N LEU A 122 19.84 11.54 4.53
CA LEU A 122 20.78 12.50 5.11
C LEU A 122 21.55 11.86 6.26
N VAL A 123 20.85 11.05 7.05
CA VAL A 123 21.47 10.34 8.17
C VAL A 123 22.47 9.31 7.64
N ALA A 124 22.08 8.59 6.60
CA ALA A 124 22.92 7.55 6.01
C ALA A 124 24.21 8.13 5.42
N GLN A 125 24.12 9.32 4.85
CA GLN A 125 25.28 9.97 4.24
C GLN A 125 26.24 10.50 5.30
N THR A 126 25.72 10.84 6.47
CA THR A 126 26.53 11.32 7.57
C THR A 126 27.30 10.17 8.21
N LEU A 127 26.65 9.01 8.31
CA LEU A 127 27.25 7.83 8.90
C LEU A 127 28.15 7.10 7.90
N ASN A 128 28.05 7.49 6.64
CA ASN A 128 28.72 6.79 5.53
C ASN A 128 28.30 5.32 5.45
N VAL A 129 26.99 5.10 5.42
CA VAL A 129 26.42 3.76 5.31
C VAL A 129 25.39 3.72 4.17
N PRO A 130 25.22 2.55 3.54
CA PRO A 130 24.27 2.46 2.43
C PRO A 130 22.83 2.72 2.85
N TRP A 131 22.06 3.37 1.99
CA TRP A 131 20.67 3.70 2.30
C TRP A 131 19.72 2.89 1.41
N ILE A 132 18.89 2.07 2.04
CA ILE A 132 17.97 1.20 1.31
C ILE A 132 16.53 1.72 1.42
N ALA A 133 15.92 2.04 0.29
CA ALA A 133 14.57 2.60 0.26
C ALA A 133 13.52 1.50 0.14
N PHE A 134 12.51 1.54 1.02
CA PHE A 134 11.41 0.59 0.97
C PHE A 134 10.18 1.23 0.33
N TRP A 135 9.60 0.55 -0.66
CA TRP A 135 8.46 1.09 -1.40
C TRP A 135 7.22 0.22 -1.28
N PRO A 136 6.38 0.52 -0.28
CA PRO A 136 5.13 -0.22 -0.03
C PRO A 136 3.95 0.35 -0.80
N ASN A 137 4.21 1.23 -1.77
CA ASN A 137 3.14 1.88 -2.51
C ASN A 137 2.84 1.14 -3.81
N VAL A 138 1.95 1.72 -4.62
CA VAL A 138 1.72 1.19 -5.97
C VAL A 138 3.04 1.27 -6.74
N SER A 139 3.55 0.11 -7.15
CA SER A 139 4.88 0.02 -7.74
C SER A 139 5.04 0.85 -9.00
N CYS A 140 4.02 0.81 -9.86
CA CYS A 140 4.07 1.49 -11.16
C CYS A 140 4.19 3.01 -11.04
N SER A 141 3.90 3.56 -9.86
CA SER A 141 3.92 5.00 -9.66
C SER A 141 5.32 5.55 -9.42
N LEU A 142 6.31 4.67 -9.31
CA LEU A 142 7.71 5.08 -9.16
C LEU A 142 8.16 5.92 -10.34
N SER A 143 7.63 5.59 -11.52
CA SER A 143 8.06 6.23 -12.76
C SER A 143 7.64 7.70 -12.85
N LEU A 144 6.60 8.07 -12.11
CA LEU A 144 6.07 9.43 -12.15
C LEU A 144 7.05 10.46 -11.62
N TYR A 145 7.85 10.06 -10.64
CA TYR A 145 8.71 10.99 -9.91
C TYR A 145 9.97 11.38 -10.68
N PHE A 146 10.16 10.79 -11.84
CA PHE A 146 11.30 11.12 -12.69
C PHE A 146 10.87 11.94 -13.90
N ASN A 147 9.58 12.30 -13.91
CA ASN A 147 9.01 13.07 -15.01
C ASN A 147 7.98 14.09 -14.52
N ILE A 148 8.24 14.70 -13.36
CA ILE A 148 7.30 15.63 -12.75
C ILE A 148 7.02 16.86 -13.62
N ASP A 149 8.07 17.39 -14.25
CA ASP A 149 7.91 18.56 -15.11
C ASP A 149 7.04 18.26 -16.33
N LEU A 150 7.29 17.12 -16.97
CA LEU A 150 6.49 16.68 -18.11
C LEU A 150 5.04 16.44 -17.72
N ILE A 151 4.85 15.70 -16.63
CA ILE A 151 3.53 15.40 -16.11
C ILE A 151 2.75 16.68 -15.81
N ARG A 152 3.38 17.61 -15.11
CA ARG A 152 2.77 18.90 -14.79
C ARG A 152 2.45 19.70 -16.05
N ASP A 153 3.35 19.66 -17.03
CA ASP A 153 3.15 20.39 -18.27
C ASP A 153 1.96 19.84 -19.05
N LYS A 154 1.84 18.51 -19.07
CA LYS A 154 0.76 17.86 -19.81
C LYS A 154 -0.59 17.96 -19.11
N CYS A 155 -0.59 17.88 -17.78
CA CYS A 155 -1.83 17.91 -17.01
C CYS A 155 -2.52 19.27 -17.07
N SER A 156 -1.77 20.30 -17.47
CA SER A 156 -2.31 21.64 -17.56
C SER A 156 -2.79 21.98 -18.98
N LYS A 157 -1.98 21.62 -19.98
CA LYS A 157 -2.28 21.96 -21.37
C LYS A 157 -3.20 20.96 -22.07
N ASP A 158 -2.98 19.68 -21.81
CA ASP A 158 -3.67 18.63 -22.54
C ASP A 158 -4.98 18.18 -21.89
N ALA A 159 -5.77 17.41 -22.63
CA ALA A 159 -7.03 16.88 -22.13
C ALA A 159 -6.80 15.96 -20.94
N LYS A 160 -7.84 15.73 -20.15
CA LYS A 160 -7.71 14.96 -18.92
C LYS A 160 -7.55 13.47 -19.18
N ASN A 161 -7.92 13.04 -20.38
CA ASN A 161 -7.79 11.64 -20.77
C ASN A 161 -6.60 11.42 -21.70
N ALA A 162 -5.70 12.40 -21.74
CA ALA A 162 -4.50 12.29 -22.55
C ALA A 162 -3.53 11.29 -21.91
N THR A 163 -2.95 10.42 -22.73
CA THR A 163 -2.08 9.37 -22.25
C THR A 163 -0.65 9.86 -22.01
N LEU A 164 0.01 9.27 -21.03
CA LEU A 164 1.39 9.61 -20.70
C LEU A 164 2.34 8.66 -21.43
N ASP A 165 2.48 8.85 -22.73
CA ASP A 165 3.26 7.94 -23.56
C ASP A 165 4.76 8.03 -23.31
N PHE A 166 5.18 9.08 -22.59
CA PHE A 166 6.57 9.27 -22.24
C PHE A 166 6.99 8.39 -21.07
N LEU A 167 6.04 7.61 -20.55
CA LEU A 167 6.32 6.67 -19.47
C LEU A 167 6.36 5.25 -20.04
N PRO A 168 7.59 4.71 -20.21
CA PRO A 168 7.79 3.38 -20.81
C PRO A 168 7.02 2.28 -20.08
N GLY A 169 6.16 1.58 -20.82
CA GLY A 169 5.37 0.50 -20.25
C GLY A 169 4.09 0.97 -19.59
N LEU A 170 3.93 2.29 -19.49
CA LEU A 170 2.77 2.87 -18.80
C LEU A 170 2.06 3.89 -19.67
N SER A 171 1.99 3.63 -20.97
CA SER A 171 1.32 4.52 -21.91
C SER A 171 -0.18 4.61 -21.61
N LYS A 172 -0.71 3.61 -20.92
CA LYS A 172 -2.13 3.57 -20.59
C LYS A 172 -2.52 4.58 -19.51
N LEU A 173 -1.54 5.03 -18.74
CA LEU A 173 -1.79 6.04 -17.70
C LEU A 173 -2.29 7.35 -18.30
N ARG A 174 -3.27 7.96 -17.67
CA ARG A 174 -3.85 9.22 -18.17
C ARG A 174 -3.54 10.40 -17.25
N VAL A 175 -3.85 11.60 -17.73
CA VAL A 175 -3.67 12.82 -16.96
C VAL A 175 -4.49 12.78 -15.67
N GLU A 176 -5.72 12.27 -15.78
CA GLU A 176 -6.64 12.20 -14.64
C GLU A 176 -6.26 11.13 -13.64
N ASP A 177 -5.21 10.37 -13.93
CA ASP A 177 -4.73 9.33 -13.02
C ASP A 177 -3.58 9.83 -12.14
N VAL A 178 -2.98 10.94 -12.54
CA VAL A 178 -1.86 11.54 -11.83
C VAL A 178 -2.27 11.99 -10.42
N PRO A 179 -1.44 11.66 -9.41
CA PRO A 179 -1.70 12.12 -8.04
C PRO A 179 -1.79 13.64 -7.97
N GLN A 180 -2.84 14.15 -7.33
CA GLN A 180 -3.09 15.59 -7.27
C GLN A 180 -1.96 16.34 -6.59
N ASP A 181 -1.29 15.70 -5.64
CA ASP A 181 -0.27 16.38 -4.83
C ASP A 181 1.02 16.70 -5.58
N MET A 182 1.24 16.07 -6.73
CA MET A 182 2.40 16.43 -7.55
C MET A 182 2.03 17.46 -8.63
N LEU A 183 0.78 17.90 -8.60
CA LEU A 183 0.32 18.98 -9.46
C LEU A 183 0.16 20.26 -8.63
N ASP A 184 -0.20 20.09 -7.36
CA ASP A 184 -0.38 21.22 -6.45
C ASP A 184 0.90 22.07 -6.33
N VAL A 185 0.75 23.37 -6.57
CA VAL A 185 1.87 24.29 -6.49
C VAL A 185 1.50 25.53 -5.68
N GLY A 186 2.39 25.93 -4.77
CA GLY A 186 2.19 27.12 -3.98
C GLY A 186 1.64 26.85 -2.59
N GLU A 187 0.46 27.40 -2.33
CA GLU A 187 -0.15 27.30 -1.01
C GLU A 187 -0.62 25.88 -0.70
N LYS A 188 -1.12 25.19 -1.72
CA LYS A 188 -1.62 23.81 -1.55
C LYS A 188 -0.49 22.80 -1.42
N GLU A 189 0.74 23.27 -1.58
CA GLU A 189 1.92 22.43 -1.52
C GLU A 189 2.27 22.13 -0.06
N THR A 190 2.24 20.86 0.32
CA THR A 190 2.55 20.44 1.69
C THR A 190 3.98 19.95 1.81
N LEU A 191 4.47 19.81 3.04
CA LEU A 191 5.78 19.24 3.30
C LEU A 191 5.79 17.78 2.86
N PHE A 192 4.63 17.14 2.95
CA PHE A 192 4.47 15.76 2.50
C PHE A 192 4.54 15.66 0.99
N SER A 193 3.94 16.61 0.29
CA SER A 193 3.94 16.61 -1.17
C SER A 193 5.29 17.08 -1.71
N ARG A 194 5.96 17.96 -0.95
CA ARG A 194 7.30 18.40 -1.31
C ARG A 194 8.29 17.26 -1.14
N THR A 195 8.02 16.40 -0.15
CA THR A 195 8.84 15.23 0.09
C THR A 195 8.69 14.22 -1.04
N LEU A 196 7.43 13.99 -1.44
CA LEU A 196 7.14 13.04 -2.51
C LEU A 196 7.69 13.50 -3.84
N ASN A 197 7.70 14.81 -4.06
CA ASN A 197 8.22 15.35 -5.31
C ASN A 197 9.75 15.41 -5.35
N SER A 198 10.38 14.99 -4.26
CA SER A 198 11.83 14.95 -4.18
C SER A 198 12.37 13.55 -4.47
N LEU A 199 11.45 12.60 -4.65
CA LEU A 199 11.81 11.19 -4.82
C LEU A 199 12.68 10.92 -6.06
N GLY A 200 12.40 11.62 -7.15
CA GLY A 200 13.17 11.42 -8.38
C GLY A 200 14.64 11.76 -8.22
N VAL A 201 14.96 12.53 -7.19
CA VAL A 201 16.32 12.93 -6.88
C VAL A 201 16.85 12.11 -5.69
N VAL A 202 15.97 11.83 -4.74
CA VAL A 202 16.33 11.07 -3.54
C VAL A 202 16.58 9.59 -3.85
N LEU A 203 15.63 8.96 -4.56
CA LEU A 203 15.71 7.53 -4.88
C LEU A 203 17.01 7.03 -5.57
N PRO A 204 17.55 7.77 -6.55
CA PRO A 204 18.77 7.25 -7.19
C PRO A 204 19.98 7.20 -6.26
N GLN A 205 19.90 7.87 -5.11
CA GLN A 205 21.01 7.88 -4.15
C GLN A 205 20.96 6.67 -3.23
N ALA A 206 19.92 5.86 -3.38
CA ALA A 206 19.77 4.65 -2.58
C ALA A 206 20.61 3.50 -3.13
N LYS A 207 21.23 2.75 -2.24
CA LYS A 207 22.00 1.57 -2.62
C LYS A 207 21.09 0.58 -3.32
N ALA A 208 19.89 0.40 -2.77
CA ALA A 208 18.88 -0.43 -3.38
C ALA A 208 17.49 0.15 -3.11
N VAL A 209 16.53 -0.20 -3.96
CA VAL A 209 15.14 0.13 -3.70
C VAL A 209 14.37 -1.18 -3.63
N VAL A 210 13.70 -1.43 -2.51
CA VAL A 210 12.99 -2.69 -2.30
C VAL A 210 11.50 -2.50 -2.50
N VAL A 211 10.98 -3.04 -3.61
CA VAL A 211 9.57 -2.93 -3.92
C VAL A 211 8.76 -4.07 -3.29
N ASN A 212 7.74 -3.71 -2.53
CA ASN A 212 6.90 -4.70 -1.87
C ASN A 212 5.82 -5.24 -2.81
N PHE A 213 6.24 -5.77 -3.95
CA PHE A 213 5.30 -6.27 -4.94
C PHE A 213 5.88 -7.46 -5.73
N PHE A 214 5.11 -7.97 -6.68
CA PHE A 214 5.55 -9.09 -7.50
C PHE A 214 6.12 -8.58 -8.84
N ALA A 215 7.42 -8.76 -9.04
CA ALA A 215 8.11 -8.25 -10.23
C ALA A 215 7.49 -8.68 -11.55
N GLU A 216 6.84 -9.83 -11.54
CA GLU A 216 6.25 -10.41 -12.74
C GLU A 216 4.90 -9.79 -13.10
N LEU A 217 4.40 -8.92 -12.23
CA LEU A 217 3.10 -8.27 -12.46
C LEU A 217 3.24 -6.88 -13.05
N ASP A 218 4.46 -6.32 -12.99
CA ASP A 218 4.71 -5.00 -13.54
C ASP A 218 5.09 -5.11 -15.01
N PRO A 219 4.77 -4.08 -15.81
CA PRO A 219 5.19 -4.04 -17.21
C PRO A 219 6.71 -4.11 -17.32
N PRO A 220 7.23 -5.09 -18.08
CA PRO A 220 8.66 -5.33 -18.24
C PRO A 220 9.43 -4.09 -18.65
N LEU A 221 8.82 -3.23 -19.46
CA LEU A 221 9.44 -1.98 -19.89
C LEU A 221 9.50 -0.96 -18.75
N PHE A 222 8.53 -1.02 -17.84
CA PHE A 222 8.54 -0.16 -16.67
C PHE A 222 9.67 -0.59 -15.74
N VAL A 223 9.76 -1.89 -15.50
CA VAL A 223 10.80 -2.45 -14.67
C VAL A 223 12.18 -2.09 -15.23
N LYS A 224 12.36 -2.31 -16.53
CA LYS A 224 13.60 -1.94 -17.21
C LYS A 224 13.87 -0.44 -17.10
N TYR A 225 12.83 0.37 -17.23
CA TYR A 225 12.98 1.82 -17.11
C TYR A 225 13.46 2.22 -15.73
N MET A 226 12.86 1.63 -14.69
CA MET A 226 13.26 1.96 -13.32
C MET A 226 14.66 1.47 -13.00
N ARG A 227 15.06 0.36 -13.61
CA ARG A 227 16.40 -0.17 -13.40
CA ARG A 227 16.40 -0.18 -13.42
C ARG A 227 17.46 0.75 -14.00
N SER A 228 17.03 1.59 -14.93
CA SER A 228 17.93 2.58 -15.54
C SER A 228 18.07 3.80 -14.64
N LYS A 229 17.09 4.00 -13.77
CA LYS A 229 17.04 5.18 -12.92
C LYS A 229 17.62 4.94 -11.52
N LEU A 230 17.65 3.67 -11.11
CA LEU A 230 18.12 3.32 -9.77
C LEU A 230 19.43 2.54 -9.85
N GLN A 231 20.18 2.53 -8.74
CA GLN A 231 21.39 1.73 -8.66
C GLN A 231 21.03 0.26 -8.60
N SER A 232 19.99 -0.04 -7.83
CA SER A 232 19.49 -1.40 -7.71
C SER A 232 17.99 -1.37 -7.47
N LEU A 233 17.25 -2.19 -8.21
CA LEU A 233 15.82 -2.33 -8.01
C LEU A 233 15.50 -3.76 -7.61
N LEU A 234 15.15 -3.95 -6.34
CA LEU A 234 14.87 -5.28 -5.82
C LEU A 234 13.40 -5.47 -5.48
N TYR A 235 12.88 -6.66 -5.74
CA TYR A 235 11.52 -7.01 -5.36
C TYR A 235 11.54 -8.07 -4.27
N VAL A 236 10.76 -7.85 -3.22
CA VAL A 236 10.60 -8.86 -2.18
C VAL A 236 9.11 -9.14 -1.97
N VAL A 237 8.73 -10.41 -1.96
CA VAL A 237 7.33 -10.81 -1.88
C VAL A 237 6.62 -10.26 -0.65
N PRO A 238 5.52 -9.52 -0.86
CA PRO A 238 4.73 -8.83 0.17
C PRO A 238 3.88 -9.75 1.04
N LEU A 239 3.87 -11.05 0.74
CA LEU A 239 3.12 -12.02 1.52
C LEU A 239 3.70 -12.14 2.92
N PRO A 240 2.83 -12.28 3.94
CA PRO A 240 3.25 -12.18 5.34
C PRO A 240 4.17 -13.31 5.80
N CYS A 241 5.12 -12.96 6.68
CA CYS A 241 5.90 -13.95 7.39
C CYS A 241 5.00 -14.52 8.47
N PRO A 242 5.22 -15.78 8.87
CA PRO A 242 4.42 -16.40 9.94
C PRO A 242 4.42 -15.59 11.23
N GLN A 243 5.44 -14.75 11.41
CA GLN A 243 5.56 -13.90 12.60
C GLN A 243 4.72 -12.63 12.50
N LEU A 244 4.28 -12.30 11.29
CA LEU A 244 3.53 -11.06 11.07
C LEU A 244 2.07 -11.17 11.50
N LEU A 245 1.33 -12.09 10.87
CA LEU A 245 -0.09 -12.26 11.14
C LEU A 245 -0.38 -12.58 12.60
N LEU A 246 -1.33 -11.86 13.18
CA LEU A 246 -1.75 -12.09 14.56
C LEU A 246 -3.01 -12.96 14.55
N PRO A 247 -3.06 -13.96 15.44
CA PRO A 247 -4.26 -14.80 15.54
C PRO A 247 -5.43 -13.96 16.02
N GLU A 248 -6.43 -13.77 15.16
CA GLU A 248 -7.56 -12.93 15.52
C GLU A 248 -8.90 -13.65 15.34
N ILE A 249 -9.86 -13.30 16.17
CA ILE A 249 -11.16 -13.95 16.18
C ILE A 249 -12.13 -13.32 15.18
N ASP A 250 -12.89 -14.16 14.49
CA ASP A 250 -13.89 -13.69 13.54
C ASP A 250 -15.13 -13.24 14.30
N SER A 251 -15.02 -12.10 14.99
CA SER A 251 -16.08 -11.60 15.86
C SER A 251 -17.38 -11.31 15.11
N ASN A 252 -17.27 -10.72 13.92
CA ASN A 252 -18.45 -10.41 13.14
C ASN A 252 -19.07 -11.65 12.50
N GLY A 253 -18.26 -12.69 12.36
CA GLY A 253 -18.72 -13.94 11.75
C GLY A 253 -18.70 -13.90 10.24
N CYS A 254 -17.73 -13.21 9.67
CA CYS A 254 -17.63 -13.03 8.23
C CYS A 254 -17.39 -14.34 7.48
N LEU A 255 -16.39 -15.10 7.93
CA LEU A 255 -15.96 -16.31 7.25
C LEU A 255 -17.03 -17.41 7.21
N SER A 256 -17.63 -17.70 8.37
CA SER A 256 -18.67 -18.72 8.46
C SER A 256 -19.88 -18.34 7.61
N TRP A 257 -20.12 -17.05 7.50
CA TRP A 257 -21.19 -16.51 6.66
C TRP A 257 -20.87 -16.76 5.20
N LEU A 258 -19.61 -16.52 4.82
CA LEU A 258 -19.16 -16.71 3.44
C LEU A 258 -19.26 -18.17 2.99
N ASP A 259 -19.18 -19.10 3.94
CA ASP A 259 -19.30 -20.52 3.64
C ASP A 259 -20.71 -20.90 3.22
N SER A 260 -21.68 -20.03 3.51
CA SER A 260 -23.08 -20.28 3.19
C SER A 260 -23.44 -19.76 1.82
N LYS A 261 -22.51 -19.05 1.18
CA LYS A 261 -22.72 -18.52 -0.15
C LYS A 261 -22.00 -19.38 -1.19
N SER A 262 -22.48 -19.36 -2.43
CA SER A 262 -21.84 -20.10 -3.50
C SER A 262 -20.63 -19.36 -4.07
N SER A 263 -19.85 -20.06 -4.87
CA SER A 263 -18.57 -19.55 -5.38
C SER A 263 -18.67 -18.27 -6.20
N ARG A 264 -17.78 -17.31 -5.91
CA ARG A 264 -17.64 -16.07 -6.68
C ARG A 264 -18.94 -15.28 -6.81
N SER A 265 -19.74 -15.28 -5.75
CA SER A 265 -21.05 -14.64 -5.79
C SER A 265 -21.15 -13.40 -4.90
N VAL A 266 -20.25 -13.31 -3.93
CA VAL A 266 -20.31 -12.24 -2.94
C VAL A 266 -19.47 -11.02 -3.33
N ALA A 267 -20.04 -9.84 -3.10
CA ALA A 267 -19.31 -8.59 -3.28
C ALA A 267 -18.72 -8.11 -1.95
N TYR A 268 -17.40 -7.93 -1.91
CA TYR A 268 -16.76 -7.39 -0.72
C TYR A 268 -16.44 -5.90 -0.91
N VAL A 269 -17.02 -5.06 -0.06
CA VAL A 269 -16.86 -3.62 -0.19
C VAL A 269 -16.10 -3.03 1.00
N CYS A 270 -15.04 -2.30 0.68
CA CYS A 270 -14.26 -1.58 1.68
C CYS A 270 -13.50 -0.46 1.00
N PHE A 271 -14.00 0.77 1.12
CA PHE A 271 -13.32 1.92 0.53
C PHE A 271 -12.39 2.64 1.51
N GLY A 272 -11.39 1.92 2.03
CA GLY A 272 -10.33 2.54 2.79
C GLY A 272 -10.57 2.85 4.25
N THR A 273 -9.56 3.42 4.89
CA THR A 273 -9.61 3.81 6.29
C THR A 273 -8.95 5.17 6.50
N VAL A 274 -8.28 5.65 5.46
CA VAL A 274 -7.58 6.94 5.51
C VAL A 274 -8.50 8.10 5.15
N VAL A 275 -9.13 8.03 3.98
CA VAL A 275 -10.06 9.06 3.54
C VAL A 275 -11.50 8.56 3.54
N SER A 276 -12.38 9.33 4.17
CA SER A 276 -13.81 9.02 4.16
C SER A 276 -14.45 9.66 2.93
N PRO A 277 -15.25 8.88 2.19
CA PRO A 277 -15.92 9.37 0.97
C PRO A 277 -17.11 10.25 1.32
N PRO A 278 -17.54 11.11 0.36
CA PRO A 278 -18.72 11.95 0.58
C PRO A 278 -19.95 11.11 0.89
N PRO A 279 -20.74 11.54 1.90
CA PRO A 279 -21.92 10.81 2.38
C PRO A 279 -22.90 10.42 1.27
N GLN A 280 -22.95 11.22 0.20
CA GLN A 280 -23.82 10.91 -0.93
C GLN A 280 -23.39 9.64 -1.66
N GLU A 281 -22.09 9.37 -1.67
CA GLU A 281 -21.57 8.15 -2.28
C GLU A 281 -21.87 6.96 -1.39
N VAL A 282 -21.75 7.16 -0.08
CA VAL A 282 -22.06 6.14 0.90
C VAL A 282 -23.52 5.71 0.76
N VAL A 283 -24.40 6.69 0.57
CA VAL A 283 -25.80 6.40 0.29
C VAL A 283 -25.93 5.62 -1.02
N ALA A 284 -25.22 6.08 -2.04
CA ALA A 284 -25.25 5.45 -3.36
C ALA A 284 -24.76 4.00 -3.32
N VAL A 285 -23.66 3.76 -2.58
CA VAL A 285 -23.12 2.42 -2.43
C VAL A 285 -24.15 1.50 -1.76
N ALA A 286 -24.77 2.00 -0.70
CA ALA A 286 -25.80 1.25 -0.01
C ALA A 286 -26.99 0.96 -0.93
N GLU A 287 -27.46 1.98 -1.63
CA GLU A 287 -28.58 1.85 -2.55
C GLU A 287 -28.29 0.84 -3.66
N ALA A 288 -27.08 0.87 -4.17
CA ALA A 288 -26.69 -0.03 -5.26
C ALA A 288 -26.62 -1.48 -4.79
N LEU A 289 -26.08 -1.69 -3.60
CA LEU A 289 -25.97 -3.05 -3.03
C LEU A 289 -27.35 -3.67 -2.81
N GLU A 290 -28.32 -2.85 -2.46
CA GLU A 290 -29.68 -3.31 -2.18
C GLU A 290 -30.43 -3.60 -3.48
N GLU A 291 -30.37 -2.66 -4.41
CA GLU A 291 -31.01 -2.81 -5.72
C GLU A 291 -30.45 -4.01 -6.49
N SER A 292 -29.15 -4.24 -6.35
CA SER A 292 -28.48 -5.31 -7.09
C SER A 292 -29.01 -6.69 -6.73
N GLY A 293 -29.22 -6.91 -5.43
CA GLY A 293 -29.72 -8.19 -4.96
C GLY A 293 -28.59 -9.16 -4.62
N PHE A 294 -27.37 -8.79 -4.98
CA PHE A 294 -26.22 -9.66 -4.71
C PHE A 294 -25.92 -9.74 -3.21
N PRO A 295 -25.39 -10.88 -2.77
CA PRO A 295 -24.88 -10.97 -1.40
C PRO A 295 -23.65 -10.07 -1.27
N PHE A 296 -23.46 -9.46 -0.10
CA PHE A 296 -22.33 -8.54 0.07
C PHE A 296 -21.82 -8.46 1.50
N VAL A 297 -20.51 -8.29 1.64
CA VAL A 297 -19.91 -7.90 2.91
C VAL A 297 -19.38 -6.48 2.75
N TRP A 298 -19.91 -5.56 3.55
CA TRP A 298 -19.47 -4.17 3.49
C TRP A 298 -18.78 -3.78 4.78
N ALA A 299 -17.47 -3.60 4.70
CA ALA A 299 -16.71 -3.09 5.83
C ALA A 299 -16.83 -1.58 5.85
N LEU A 300 -17.60 -1.07 6.82
CA LEU A 300 -17.93 0.35 6.86
C LEU A 300 -17.61 0.97 8.21
N LYS A 301 -17.25 2.26 8.19
CA LYS A 301 -17.03 3.03 9.41
C LYS A 301 -18.25 2.94 10.32
N GLU A 302 -17.99 2.81 11.61
CA GLU A 302 -19.06 2.79 12.60
C GLU A 302 -19.75 4.15 12.61
N SER A 303 -18.97 5.19 12.31
CA SER A 303 -19.46 6.56 12.32
C SER A 303 -20.28 6.91 11.08
N LEU A 304 -20.25 6.03 10.08
CA LEU A 304 -21.00 6.25 8.85
C LEU A 304 -22.31 5.48 8.84
N LEU A 305 -22.58 4.76 9.91
CA LEU A 305 -23.81 3.99 10.03
C LEU A 305 -25.04 4.88 10.07
N SER A 306 -24.85 6.14 10.49
CA SER A 306 -25.95 7.08 10.66
C SER A 306 -26.42 7.72 9.36
N ILE A 307 -25.55 7.72 8.34
CA ILE A 307 -25.90 8.33 7.07
C ILE A 307 -26.47 7.32 6.08
N LEU A 308 -26.37 6.04 6.43
CA LEU A 308 -26.96 4.97 5.64
C LEU A 308 -28.46 5.19 5.51
N PRO A 309 -29.04 4.80 4.36
CA PRO A 309 -30.48 4.91 4.15
C PRO A 309 -31.25 4.21 5.27
N LYS A 310 -32.41 4.75 5.63
CA LYS A 310 -33.18 4.20 6.75
C LYS A 310 -33.73 2.80 6.42
N GLY A 311 -33.41 1.84 7.28
CA GLY A 311 -33.90 0.48 7.11
C GLY A 311 -33.04 -0.38 6.18
N PHE A 312 -32.00 0.21 5.60
CA PHE A 312 -31.15 -0.50 4.64
C PHE A 312 -30.49 -1.75 5.20
N VAL A 313 -29.78 -1.62 6.31
CA VAL A 313 -29.06 -2.74 6.92
C VAL A 313 -30.04 -3.84 7.35
N GLU A 314 -31.26 -3.45 7.65
CA GLU A 314 -32.28 -4.37 8.16
C GLU A 314 -33.00 -5.11 7.04
N ARG A 315 -33.17 -4.45 5.89
CA ARG A 315 -33.83 -5.07 4.75
C ARG A 315 -32.88 -5.98 3.96
N THR A 316 -31.58 -5.78 4.19
CA THR A 316 -30.56 -6.53 3.47
C THR A 316 -29.84 -7.53 4.37
N SER A 317 -30.32 -7.65 5.60
CA SER A 317 -29.66 -8.49 6.60
C SER A 317 -29.62 -9.97 6.22
N THR A 318 -30.61 -10.41 5.45
CA THR A 318 -30.72 -11.81 5.06
C THR A 318 -29.81 -12.16 3.88
N ARG A 319 -29.00 -11.19 3.43
CA ARG A 319 -28.12 -11.41 2.30
C ARG A 319 -26.92 -10.48 2.33
N GLY A 320 -26.76 -9.73 3.42
CA GLY A 320 -25.65 -8.79 3.53
C GLY A 320 -25.11 -8.63 4.93
N LYS A 321 -23.80 -8.36 5.02
CA LYS A 321 -23.18 -8.05 6.31
C LYS A 321 -22.56 -6.66 6.29
N VAL A 322 -23.10 -5.77 7.12
CA VAL A 322 -22.50 -4.44 7.30
C VAL A 322 -21.78 -4.42 8.64
N VAL A 323 -20.45 -4.40 8.60
CA VAL A 323 -19.65 -4.54 9.81
C VAL A 323 -18.56 -3.48 9.93
N SER A 324 -18.13 -3.22 11.17
CA SER A 324 -17.07 -2.24 11.42
C SER A 324 -15.71 -2.78 11.01
N TRP A 325 -15.52 -4.08 11.14
CA TRP A 325 -14.22 -4.69 10.87
C TRP A 325 -14.33 -6.02 10.13
N VAL A 326 -13.36 -6.31 9.28
CA VAL A 326 -13.24 -7.61 8.64
C VAL A 326 -11.80 -8.07 8.63
N PRO A 327 -11.58 -9.39 8.77
CA PRO A 327 -10.23 -9.92 8.50
C PRO A 327 -10.04 -9.95 6.99
N GLN A 328 -9.70 -8.80 6.42
CA GLN A 328 -9.72 -8.60 4.97
C GLN A 328 -8.96 -9.65 4.17
N SER A 329 -7.72 -9.93 4.57
CA SER A 329 -6.90 -10.92 3.87
C SER A 329 -7.56 -12.29 3.83
N HIS A 330 -8.27 -12.63 4.90
CA HIS A 330 -9.01 -13.90 4.95
C HIS A 330 -10.28 -13.82 4.09
N VAL A 331 -10.92 -12.65 4.09
CA VAL A 331 -12.12 -12.43 3.30
C VAL A 331 -11.82 -12.50 1.81
N LEU A 332 -10.73 -11.86 1.39
CA LEU A 332 -10.33 -11.86 -0.01
C LEU A 332 -9.82 -13.23 -0.47
N SER A 333 -9.37 -14.05 0.47
CA SER A 333 -8.91 -15.39 0.13
C SER A 333 -10.04 -16.43 0.20
N HIS A 334 -11.27 -15.95 0.32
CA HIS A 334 -12.43 -16.85 0.36
C HIS A 334 -13.02 -17.02 -1.04
N GLY A 335 -13.47 -18.23 -1.33
CA GLY A 335 -13.97 -18.56 -2.66
C GLY A 335 -15.28 -17.92 -3.02
N SER A 336 -16.09 -17.61 -2.00
CA SER A 336 -17.41 -17.00 -2.23
C SER A 336 -17.31 -15.59 -2.79
N VAL A 337 -16.21 -14.90 -2.47
CA VAL A 337 -16.03 -13.52 -2.90
C VAL A 337 -15.78 -13.43 -4.40
N GLY A 338 -16.65 -12.69 -5.09
CA GLY A 338 -16.59 -12.58 -6.53
C GLY A 338 -16.08 -11.24 -7.02
N VAL A 339 -16.24 -10.20 -6.21
CA VAL A 339 -15.72 -8.88 -6.58
C VAL A 339 -15.28 -8.07 -5.36
N PHE A 340 -14.20 -7.31 -5.51
CA PHE A 340 -13.71 -6.43 -4.47
C PHE A 340 -13.93 -4.98 -4.88
N VAL A 341 -14.85 -4.30 -4.22
CA VAL A 341 -15.06 -2.88 -4.48
C VAL A 341 -14.10 -2.08 -3.60
N THR A 342 -13.09 -1.47 -4.21
CA THR A 342 -12.01 -0.87 -3.45
C THR A 342 -11.65 0.57 -3.84
N HIS A 343 -10.96 1.24 -2.93
CA HIS A 343 -10.41 2.57 -3.17
C HIS A 343 -9.07 2.47 -3.89
N CYS A 344 -8.61 1.23 -4.07
CA CYS A 344 -7.35 0.91 -4.75
C CYS A 344 -6.09 1.23 -3.95
N GLY A 345 -6.11 0.93 -2.66
CA GLY A 345 -4.91 1.03 -1.84
C GLY A 345 -3.92 -0.05 -2.22
N ALA A 346 -2.64 0.28 -2.18
CA ALA A 346 -1.58 -0.64 -2.61
C ALA A 346 -1.67 -2.03 -1.96
N ASN A 347 -1.95 -2.06 -0.66
CA ASN A 347 -2.07 -3.32 0.04
C ASN A 347 -3.34 -4.09 -0.33
N SER A 348 -4.45 -3.37 -0.46
CA SER A 348 -5.71 -3.98 -0.86
C SER A 348 -5.63 -4.58 -2.25
N VAL A 349 -4.98 -3.87 -3.17
CA VAL A 349 -4.77 -4.36 -4.52
C VAL A 349 -3.92 -5.62 -4.51
N MET A 350 -2.84 -5.61 -3.74
CA MET A 350 -1.97 -6.76 -3.60
C MET A 350 -2.75 -7.99 -3.14
N GLU A 351 -3.57 -7.80 -2.12
CA GLU A 351 -4.35 -8.90 -1.54
C GLU A 351 -5.43 -9.43 -2.49
N SER A 352 -5.94 -8.56 -3.36
CA SER A 352 -6.99 -8.97 -4.29
C SER A 352 -6.43 -9.72 -5.50
N VAL A 353 -5.32 -9.22 -6.05
CA VAL A 353 -4.71 -9.84 -7.22
C VAL A 353 -4.04 -11.17 -6.90
N SER A 354 -3.61 -11.34 -5.66
CA SER A 354 -2.96 -12.58 -5.25
C SER A 354 -3.98 -13.65 -4.87
N ASN A 355 -5.25 -13.26 -4.85
CA ASN A 355 -6.33 -14.21 -4.54
C ASN A 355 -7.30 -14.39 -5.71
N GLY A 356 -6.93 -13.88 -6.87
CA GLY A 356 -7.76 -14.02 -8.07
C GLY A 356 -9.11 -13.31 -8.01
N VAL A 357 -9.20 -12.27 -7.18
CA VAL A 357 -10.45 -11.52 -7.04
C VAL A 357 -10.42 -10.25 -7.86
N PRO A 358 -11.38 -10.09 -8.78
CA PRO A 358 -11.48 -8.89 -9.62
C PRO A 358 -12.04 -7.69 -8.85
N MET A 359 -11.72 -6.49 -9.32
CA MET A 359 -12.00 -5.28 -8.56
C MET A 359 -12.87 -4.24 -9.27
N ILE A 360 -13.78 -3.64 -8.51
CA ILE A 360 -14.46 -2.42 -8.96
C ILE A 360 -13.75 -1.25 -8.28
N CYS A 361 -13.26 -0.32 -9.09
CA CYS A 361 -12.34 0.69 -8.60
C CYS A 361 -12.95 2.08 -8.45
N ARG A 362 -12.69 2.71 -7.31
CA ARG A 362 -13.04 4.10 -7.09
C ARG A 362 -11.90 4.74 -6.30
N PRO A 363 -10.86 5.20 -7.02
CA PRO A 363 -9.69 5.83 -6.40
C PRO A 363 -10.02 7.19 -5.83
N PHE A 364 -9.48 7.51 -4.66
CA PHE A 364 -9.77 8.79 -4.02
C PHE A 364 -8.64 9.80 -4.15
N PHE A 365 -7.41 9.37 -3.88
CA PHE A 365 -6.25 10.25 -4.03
C PHE A 365 -4.94 9.46 -4.00
N GLY A 366 -3.82 10.17 -4.11
CA GLY A 366 -2.52 9.53 -4.07
C GLY A 366 -2.23 8.72 -5.32
N ASP A 367 -1.72 7.51 -5.12
CA ASP A 367 -1.38 6.62 -6.22
C ASP A 367 -2.53 5.67 -6.55
N GLN A 368 -3.67 5.87 -5.90
CA GLN A 368 -4.83 5.00 -6.06
C GLN A 368 -5.39 5.05 -7.48
N GLY A 369 -5.19 6.18 -8.16
CA GLY A 369 -5.61 6.33 -9.55
C GLY A 369 -4.67 5.60 -10.49
N ILE A 370 -3.40 5.53 -10.11
CA ILE A 370 -2.42 4.78 -10.87
C ILE A 370 -2.75 3.29 -10.76
N ALA A 371 -3.11 2.86 -9.55
CA ALA A 371 -3.53 1.49 -9.32
C ALA A 371 -4.79 1.15 -10.12
N ALA A 372 -5.77 2.04 -10.08
CA ALA A 372 -7.04 1.82 -10.76
C ALA A 372 -6.86 1.67 -12.27
N ARG A 373 -6.03 2.51 -12.86
CA ARG A 373 -5.76 2.44 -14.29
C ARG A 373 -5.14 1.11 -14.68
N VAL A 374 -4.14 0.68 -13.90
CA VAL A 374 -3.44 -0.59 -14.16
C VAL A 374 -4.39 -1.78 -14.05
N ILE A 375 -5.25 -1.76 -13.03
CA ILE A 375 -6.23 -2.81 -12.82
C ILE A 375 -7.18 -2.95 -14.02
N GLN A 376 -7.59 -1.81 -14.58
CA GLN A 376 -8.57 -1.81 -15.66
C GLN A 376 -7.97 -1.93 -17.07
N ASP A 377 -6.97 -1.11 -17.37
CA ASP A 377 -6.46 -1.01 -18.73
C ASP A 377 -5.21 -1.85 -19.01
N ILE A 378 -4.51 -2.27 -17.96
CA ILE A 378 -3.26 -3.01 -18.13
C ILE A 378 -3.43 -4.50 -17.79
N TRP A 379 -3.57 -4.81 -16.50
CA TRP A 379 -3.85 -6.17 -16.07
C TRP A 379 -5.24 -6.59 -16.55
N GLU A 380 -6.13 -5.60 -16.67
CA GLU A 380 -7.52 -5.82 -17.09
C GLU A 380 -8.23 -6.79 -16.15
N VAL A 381 -8.04 -6.60 -14.85
CA VAL A 381 -8.61 -7.48 -13.83
C VAL A 381 -9.74 -6.79 -13.08
N GLY A 382 -10.31 -5.76 -13.69
CA GLY A 382 -11.42 -5.05 -13.08
C GLY A 382 -11.78 -3.76 -13.82
N VAL A 383 -12.69 -2.98 -13.24
CA VAL A 383 -13.11 -1.72 -13.84
C VAL A 383 -13.13 -0.58 -12.83
N ILE A 384 -12.84 0.62 -13.31
CA ILE A 384 -13.14 1.82 -12.54
C ILE A 384 -14.66 1.96 -12.59
N VAL A 385 -15.28 2.32 -11.46
CA VAL A 385 -16.72 2.45 -11.42
C VAL A 385 -17.16 3.55 -12.40
N GLU A 386 -18.30 3.34 -13.05
CA GLU A 386 -18.76 4.25 -14.10
C GLU A 386 -19.02 5.67 -13.58
N GLY A 387 -18.29 6.64 -14.14
CA GLY A 387 -18.42 8.02 -13.73
C GLY A 387 -17.35 8.44 -12.74
N LYS A 388 -16.42 7.52 -12.48
CA LYS A 388 -15.31 7.75 -11.54
CA LYS A 388 -15.31 7.76 -11.54
C LYS A 388 -15.75 7.99 -10.09
N VAL A 389 -17.06 8.01 -9.87
CA VAL A 389 -17.62 8.17 -8.53
C VAL A 389 -18.78 7.19 -8.36
N PHE A 390 -19.12 6.88 -7.11
CA PHE A 390 -20.20 5.94 -6.84
C PHE A 390 -21.57 6.54 -7.13
N THR A 391 -22.32 5.87 -8.01
CA THR A 391 -23.73 6.19 -8.23
C THR A 391 -24.52 4.90 -8.15
N LYS A 392 -25.82 5.00 -7.90
CA LYS A 392 -26.66 3.81 -7.76
C LYS A 392 -26.74 3.01 -9.05
N ASN A 393 -26.95 3.69 -10.17
CA ASN A 393 -27.06 3.03 -11.47
C ASN A 393 -25.71 2.56 -12.01
N GLY A 394 -24.67 3.35 -11.79
CA GLY A 394 -23.33 3.03 -12.28
C GLY A 394 -22.67 1.87 -11.56
N PHE A 395 -22.78 1.86 -10.24
CA PHE A 395 -22.18 0.81 -9.42
C PHE A 395 -22.89 -0.53 -9.60
N VAL A 396 -24.20 -0.50 -9.80
CA VAL A 396 -24.96 -1.72 -10.08
C VAL A 396 -24.50 -2.34 -11.38
N LYS A 397 -24.25 -1.50 -12.38
CA LYS A 397 -23.78 -1.97 -13.68
C LYS A 397 -22.38 -2.56 -13.60
N SER A 398 -21.57 -2.06 -12.66
CA SER A 398 -20.25 -2.61 -12.44
C SER A 398 -20.35 -3.96 -11.73
N LEU A 399 -21.23 -4.03 -10.74
CA LEU A 399 -21.51 -5.27 -10.02
C LEU A 399 -22.02 -6.36 -10.96
N ASN A 400 -22.99 -6.00 -11.80
CA ASN A 400 -23.52 -6.93 -12.79
C ASN A 400 -22.47 -7.41 -13.78
N LEU A 401 -21.66 -6.47 -14.26
CA LEU A 401 -20.60 -6.77 -15.23
C LEU A 401 -19.64 -7.84 -14.72
N ILE A 402 -19.07 -7.59 -13.55
CA ILE A 402 -18.08 -8.48 -12.96
C ILE A 402 -18.68 -9.81 -12.48
N LEU A 403 -19.77 -9.73 -11.73
CA LEU A 403 -20.29 -10.90 -11.01
C LEU A 403 -21.04 -11.93 -11.86
N VAL A 404 -21.87 -11.47 -12.79
CA VAL A 404 -22.77 -12.39 -13.49
C VAL A 404 -22.71 -12.35 -15.02
N GLN A 405 -22.39 -11.21 -15.60
CA GLN A 405 -22.49 -11.04 -17.05
C GLN A 405 -21.36 -11.70 -17.83
N GLU A 406 -21.65 -12.07 -19.08
CA GLU A 406 -20.69 -12.72 -19.95
C GLU A 406 -19.64 -11.72 -20.43
N ASP A 407 -20.02 -10.44 -20.45
CA ASP A 407 -19.12 -9.36 -20.84
C ASP A 407 -17.93 -9.23 -19.88
N GLY A 408 -18.08 -9.74 -18.66
CA GLY A 408 -17.01 -9.68 -17.68
C GLY A 408 -16.25 -10.99 -17.55
N LYS A 409 -16.39 -11.86 -18.54
CA LYS A 409 -15.69 -13.15 -18.53
C LYS A 409 -14.18 -12.98 -18.73
N LYS A 410 -13.81 -12.01 -19.57
CA LYS A 410 -12.41 -11.71 -19.82
C LYS A 410 -11.71 -11.30 -18.54
N ILE A 411 -12.40 -10.46 -17.75
CA ILE A 411 -11.85 -9.94 -16.52
C ILE A 411 -11.72 -11.02 -15.44
N ARG A 412 -12.75 -11.87 -15.33
CA ARG A 412 -12.70 -12.98 -14.39
C ARG A 412 -11.63 -13.98 -14.77
N ASP A 413 -11.45 -14.18 -16.08
CA ASP A 413 -10.39 -15.04 -16.58
C ASP A 413 -9.02 -14.46 -16.29
N ASN A 414 -8.89 -13.14 -16.47
CA ASN A 414 -7.63 -12.44 -16.20
C ASN A 414 -7.30 -12.41 -14.71
N ALA A 415 -8.33 -12.34 -13.89
CA ALA A 415 -8.16 -12.38 -12.44
C ALA A 415 -7.52 -13.70 -12.00
N LEU A 416 -7.92 -14.79 -12.67
CA LEU A 416 -7.38 -16.11 -12.39
C LEU A 416 -5.96 -16.25 -12.94
N LYS A 417 -5.72 -15.69 -14.13
CA LYS A 417 -4.40 -15.71 -14.74
C LYS A 417 -3.36 -15.00 -13.88
N VAL A 418 -3.71 -13.83 -13.38
CA VAL A 418 -2.81 -13.03 -12.55
C VAL A 418 -2.46 -13.75 -11.26
N LYS A 419 -3.46 -14.40 -10.67
CA LYS A 419 -3.26 -15.17 -9.45
C LYS A 419 -2.23 -16.28 -9.67
N GLN A 420 -2.31 -16.95 -10.81
CA GLN A 420 -1.36 -17.99 -11.15
C GLN A 420 0.04 -17.40 -11.32
N ILE A 421 0.10 -16.19 -11.86
CA ILE A 421 1.35 -15.48 -12.04
C ILE A 421 1.97 -15.14 -10.68
N VAL A 422 1.13 -14.74 -9.73
CA VAL A 422 1.57 -14.45 -8.37
C VAL A 422 2.06 -15.71 -7.68
N GLN A 423 1.29 -16.79 -7.79
CA GLN A 423 1.65 -18.07 -7.18
C GLN A 423 2.99 -18.59 -7.69
N ASP A 424 3.28 -18.35 -8.97
CA ASP A 424 4.57 -18.73 -9.54
C ASP A 424 5.67 -17.75 -9.13
N ALA A 425 5.31 -16.48 -8.95
CA ALA A 425 6.27 -15.45 -8.62
C ALA A 425 6.78 -15.59 -7.19
N VAL A 426 5.91 -16.02 -6.29
CA VAL A 426 6.29 -16.24 -4.90
C VAL A 426 6.95 -17.61 -4.73
N GLY A 427 7.22 -18.28 -5.85
CA GLY A 427 7.89 -19.57 -5.82
C GLY A 427 9.37 -19.44 -5.56
N PRO A 428 10.06 -20.58 -5.42
CA PRO A 428 11.48 -20.60 -5.06
C PRO A 428 12.36 -20.08 -6.19
N HIS A 429 11.83 -20.10 -7.40
CA HIS A 429 12.58 -19.66 -8.57
C HIS A 429 11.96 -18.41 -9.20
N GLY A 430 11.16 -17.70 -8.41
CA GLY A 430 10.65 -16.41 -8.83
C GLY A 430 11.75 -15.36 -8.75
N GLN A 431 11.43 -14.13 -9.13
CA GLN A 431 12.43 -13.07 -9.12
C GLN A 431 12.82 -12.68 -7.70
N ALA A 432 11.81 -12.59 -6.83
CA ALA A 432 12.02 -12.11 -5.46
C ALA A 432 12.95 -13.01 -4.64
N ALA A 433 12.94 -14.30 -4.94
CA ALA A 433 13.82 -15.25 -4.26
C ALA A 433 15.27 -14.90 -4.52
N GLU A 434 15.59 -14.57 -5.76
CA GLU A 434 16.93 -14.12 -6.12
C GLU A 434 17.17 -12.73 -5.53
N ASP A 435 16.15 -11.88 -5.56
CA ASP A 435 16.28 -10.51 -5.08
C ASP A 435 16.37 -10.40 -3.56
N PHE A 436 15.62 -11.24 -2.86
CA PHE A 436 15.67 -11.23 -1.39
C PHE A 436 17.08 -11.51 -0.90
N ASN A 437 17.75 -12.45 -1.55
CA ASN A 437 19.13 -12.80 -1.19
C ASN A 437 20.14 -11.73 -1.56
N THR A 438 19.87 -10.99 -2.63
CA THR A 438 20.71 -9.86 -3.02
C THR A 438 20.70 -8.84 -1.88
N LEU A 439 19.52 -8.63 -1.31
CA LEU A 439 19.33 -7.70 -0.21
C LEU A 439 20.10 -8.14 1.04
N VAL A 440 20.02 -9.43 1.35
CA VAL A 440 20.72 -9.99 2.51
C VAL A 440 22.24 -9.81 2.39
N GLU A 441 22.76 -9.95 1.17
CA GLU A 441 24.19 -9.78 0.94
C GLU A 441 24.65 -8.33 1.05
N VAL A 442 23.79 -7.40 0.64
CA VAL A 442 24.05 -5.97 0.80
C VAL A 442 24.21 -5.66 2.29
N ILE A 443 23.32 -6.24 3.09
CA ILE A 443 23.33 -6.09 4.54
C ILE A 443 24.51 -6.84 5.16
N SER A 444 24.86 -8.00 4.58
CA SER A 444 25.99 -8.79 5.05
C SER A 444 27.32 -8.05 4.86
N SER A 445 27.52 -7.48 3.68
CA SER A 445 28.77 -6.82 3.35
C SER A 445 28.76 -5.32 3.68
N SER A 446 27.72 -4.87 4.38
CA SER A 446 27.61 -3.48 4.77
C SER A 446 28.67 -3.09 5.80
#